data_1WY0
#
_entry.id   1WY0
#
_cell.length_a   63.353
_cell.length_b   75.780
_cell.length_c   80.863
_cell.angle_alpha   90.00
_cell.angle_beta   90.00
_cell.angle_gamma   90.00
#
_symmetry.space_group_name_H-M   'P 21 21 2'
#
loop_
_entity.id
_entity.type
_entity.pdbx_description
1 polymer 'geranylgeranyl pyrophosphate synthetase'
2 non-polymer 'MERCURY (II) ION'
3 non-polymer 'BROMIDE ION'
4 water water
#
_entity_poly.entity_id   1
_entity_poly.type   'polypeptide(L)'
_entity_poly.pdbx_seq_one_letter_code
;MEKYEELFARIKEKAKLIDEKIFELIPEKDPRVLYEAARHYPLAGGKRVRPFVVLTSTEAVGGDPLRAIYPAVAIELIHN
YSLVHDDIMDMDETRRGKPTVHRIWGVNMAILAGDLLFSKAFEAVARAEIPPEKKARVLEVIVKASNELCEGQARDLEFE
KKSTVTIEEYMEMISGKTGALFEASAKVGGIIGTDNEEYIKALSSWGRNVGIAFQIWDDVLDLIADEKKLGKPVGSDIRK
GKKTLIVAHFFENADEKDKQRFLKIFGKYAGDVKGRGIIEEDIKSDVMEAIDLLKKYGSIDYAAEIAKDMIKKANEALRI
LPKSKARMDLELLAKFIVEREY
;
_entity_poly.pdbx_strand_id   A
#
# COMPACT_ATOMS: atom_id res chain seq x y z
N GLU A 2 -21.63 2.86 -8.81
CA GLU A 2 -22.68 2.04 -8.22
C GLU A 2 -22.20 0.61 -7.96
N LYS A 3 -21.65 -0.01 -9.02
CA LYS A 3 -21.07 -1.33 -8.84
C LYS A 3 -19.95 -1.30 -7.79
N TYR A 4 -19.28 -0.14 -7.73
CA TYR A 4 -18.28 0.07 -6.68
C TYR A 4 -18.90 -0.13 -5.31
N GLU A 5 -20.16 0.31 -5.20
CA GLU A 5 -20.88 0.15 -3.95
C GLU A 5 -21.05 -1.33 -3.60
N GLU A 6 -21.28 -2.14 -4.65
CA GLU A 6 -21.40 -3.57 -4.45
C GLU A 6 -20.04 -4.23 -4.23
N LEU A 7 -19.02 -3.72 -4.93
CA LEU A 7 -17.66 -4.24 -4.79
C LEU A 7 -17.25 -4.03 -3.34
N PHE A 8 -17.50 -2.83 -2.81
CA PHE A 8 -17.16 -2.53 -1.43
C PHE A 8 -18.03 -3.36 -0.50
N ALA A 9 -19.16 -3.83 -1.02
CA ALA A 9 -20.06 -4.67 -0.26
C ALA A 9 -19.42 -6.04 -0.10
N ARG A 10 -18.76 -6.49 -1.16
CA ARG A 10 -18.06 -7.75 -1.15
C ARG A 10 -16.83 -7.65 -0.28
N ILE A 11 -16.03 -6.62 -0.55
CA ILE A 11 -14.81 -6.36 0.20
C ILE A 11 -15.12 -6.38 1.69
N LYS A 12 -16.14 -5.62 2.08
CA LYS A 12 -16.54 -5.54 3.48
C LYS A 12 -17.06 -6.87 3.99
N GLU A 13 -17.57 -7.69 3.06
CA GLU A 13 -18.10 -9.00 3.40
C GLU A 13 -16.96 -9.92 3.82
N LYS A 14 -15.89 -9.92 3.02
CA LYS A 14 -14.71 -10.73 3.30
C LYS A 14 -13.98 -10.23 4.55
N ALA A 15 -13.97 -8.92 4.74
CA ALA A 15 -13.31 -8.30 5.89
C ALA A 15 -13.70 -8.96 7.20
N LYS A 16 -14.98 -9.32 7.33
CA LYS A 16 -15.47 -9.96 8.55
C LYS A 16 -14.69 -11.21 8.94
N LEU A 17 -14.52 -12.12 7.98
CA LEU A 17 -13.80 -13.36 8.20
C LEU A 17 -12.37 -13.06 8.60
N ILE A 18 -11.77 -12.16 7.86
CA ILE A 18 -10.39 -11.76 8.09
C ILE A 18 -10.24 -11.15 9.47
N ASP A 19 -11.17 -10.27 9.84
CA ASP A 19 -11.09 -9.63 11.14
C ASP A 19 -11.20 -10.55 12.34
N GLU A 20 -12.03 -11.58 12.24
CA GLU A 20 -12.17 -12.51 13.36
C GLU A 20 -10.80 -13.15 13.60
N LYS A 21 -10.16 -13.61 12.53
CA LYS A 21 -8.86 -14.25 12.64
C LYS A 21 -7.78 -13.31 13.18
N ILE A 22 -7.80 -12.07 12.72
CA ILE A 22 -6.83 -11.09 13.18
C ILE A 22 -6.90 -10.91 14.68
N PHE A 23 -8.11 -10.65 15.19
CA PHE A 23 -8.26 -10.43 16.62
C PHE A 23 -8.21 -11.65 17.51
N GLU A 24 -8.08 -12.84 16.93
CA GLU A 24 -7.96 -14.02 17.77
C GLU A 24 -6.47 -14.22 17.93
N LEU A 25 -5.69 -13.65 17.00
CA LEU A 25 -4.24 -13.71 17.05
C LEU A 25 -3.74 -12.60 17.98
N ILE A 26 -4.36 -11.44 17.92
CA ILE A 26 -3.98 -10.34 18.79
C ILE A 26 -5.19 -9.92 19.64
N PRO A 27 -5.49 -10.72 20.66
CA PRO A 27 -6.57 -10.48 21.61
C PRO A 27 -6.11 -9.58 22.77
N GLU A 28 -7.08 -9.20 23.61
CA GLU A 28 -6.74 -8.37 24.76
C GLU A 28 -6.20 -9.21 25.92
N LYS A 29 -4.88 -9.51 25.84
CA LYS A 29 -4.26 -10.34 26.87
C LYS A 29 -2.93 -9.75 27.35
N ASP A 30 -2.38 -10.39 28.40
CA ASP A 30 -1.14 -9.89 28.96
C ASP A 30 0.05 -10.12 28.03
N PRO A 31 0.85 -9.05 27.84
CA PRO A 31 0.57 -7.73 28.39
C PRO A 31 -0.35 -6.89 27.50
N ARG A 32 -1.34 -6.25 28.16
CA ARG A 32 -2.39 -5.54 27.43
C ARG A 32 -1.85 -4.30 26.70
N VAL A 33 -1.09 -3.48 27.44
CA VAL A 33 -0.54 -2.27 26.83
C VAL A 33 0.14 -2.59 25.49
N LEU A 34 0.80 -3.75 25.45
CA LEU A 34 1.42 -4.19 24.21
C LEU A 34 0.36 -4.63 23.20
N TYR A 35 -0.66 -5.35 23.70
CA TYR A 35 -1.62 -5.93 22.76
C TYR A 35 -2.67 -4.91 22.29
N GLU A 36 -2.90 -3.86 23.11
CA GLU A 36 -3.78 -2.80 22.66
C GLU A 36 -3.05 -1.86 21.69
N ALA A 37 -1.75 -1.65 21.99
CA ALA A 37 -0.93 -0.87 21.08
C ALA A 37 -0.86 -1.55 19.70
N ALA A 38 -0.70 -2.87 19.73
CA ALA A 38 -0.72 -3.69 18.53
C ALA A 38 -2.09 -3.70 17.84
N ARG A 39 -3.14 -3.70 18.65
CA ARG A 39 -4.51 -3.71 18.12
C ARG A 39 -4.97 -2.35 17.59
N HIS A 40 -4.33 -1.28 18.03
CA HIS A 40 -4.73 0.06 17.64
C HIS A 40 -5.00 0.29 16.14
N TYR A 41 -4.03 0.00 15.27
CA TYR A 41 -4.30 0.23 13.85
C TYR A 41 -5.32 -0.75 13.27
N PRO A 42 -5.20 -2.04 13.60
CA PRO A 42 -6.15 -3.04 13.08
C PRO A 42 -7.60 -2.67 13.45
N LEU A 43 -7.78 -2.07 14.62
CA LEU A 43 -9.07 -1.65 15.16
C LEU A 43 -9.60 -0.37 14.49
N ALA A 44 -8.70 0.33 13.78
CA ALA A 44 -9.14 1.54 13.12
C ALA A 44 -10.18 1.25 12.05
N GLY A 45 -10.30 -0.05 11.72
CA GLY A 45 -11.33 -0.50 10.80
C GLY A 45 -10.87 -0.42 9.33
N GLY A 46 -9.56 -0.68 9.14
CA GLY A 46 -9.04 -0.72 7.77
C GLY A 46 -9.94 -1.58 6.87
N LYS A 47 -9.91 -1.27 5.57
CA LYS A 47 -10.81 -1.95 4.65
C LYS A 47 -10.30 -3.34 4.25
N ARG A 48 -9.07 -3.66 4.59
CA ARG A 48 -8.49 -4.97 4.30
C ARG A 48 -8.39 -5.25 2.79
N VAL A 49 -7.98 -4.26 2.01
CA VAL A 49 -7.85 -4.44 0.58
C VAL A 49 -6.83 -5.52 0.21
N ARG A 50 -5.71 -5.57 0.93
CA ARG A 50 -4.69 -6.56 0.65
C ARG A 50 -5.22 -7.97 0.86
N PRO A 51 -5.83 -8.24 2.02
CA PRO A 51 -6.37 -9.58 2.27
C PRO A 51 -7.43 -9.92 1.22
N PHE A 52 -8.22 -8.91 0.84
CA PHE A 52 -9.26 -9.09 -0.17
C PHE A 52 -8.63 -9.58 -1.46
N VAL A 53 -7.48 -9.04 -1.81
CA VAL A 53 -6.80 -9.43 -3.03
C VAL A 53 -6.37 -10.88 -2.91
N VAL A 54 -6.01 -11.29 -1.70
CA VAL A 54 -5.59 -12.66 -1.47
C VAL A 54 -6.75 -13.62 -1.77
N LEU A 55 -7.81 -13.54 -0.97
CA LEU A 55 -8.97 -14.40 -1.13
C LEU A 55 -9.60 -14.29 -2.52
N THR A 56 -9.63 -13.09 -3.07
CA THR A 56 -10.20 -12.90 -4.40
C THR A 56 -9.32 -13.51 -5.47
N SER A 57 -8.00 -13.50 -5.23
CA SER A 57 -7.06 -14.07 -6.20
C SER A 57 -7.13 -15.58 -6.20
N THR A 58 -7.42 -16.17 -5.05
CA THR A 58 -7.55 -17.62 -4.99
C THR A 58 -8.82 -18.10 -5.68
N GLU A 59 -9.74 -17.15 -5.94
CA GLU A 59 -10.99 -17.50 -6.61
C GLU A 59 -10.89 -17.31 -8.12
N ALA A 60 -9.95 -16.45 -8.53
CA ALA A 60 -9.78 -16.19 -9.95
C ALA A 60 -8.98 -17.29 -10.63
N VAL A 61 -8.50 -18.24 -9.79
CA VAL A 61 -7.65 -19.29 -10.32
C VAL A 61 -8.26 -20.69 -10.11
N GLY A 62 -8.67 -20.97 -8.86
CA GLY A 62 -9.20 -22.29 -8.56
C GLY A 62 -10.52 -22.22 -7.78
N GLY A 63 -10.44 -21.65 -6.56
CA GLY A 63 -11.65 -21.54 -5.75
C GLY A 63 -11.37 -21.82 -4.28
N ASP A 64 -12.41 -21.60 -3.45
CA ASP A 64 -12.26 -21.82 -2.02
C ASP A 64 -11.17 -20.93 -1.42
N PRO A 65 -11.48 -19.62 -1.40
CA PRO A 65 -10.61 -18.64 -0.77
C PRO A 65 -10.50 -18.91 0.72
N LEU A 66 -11.44 -19.73 1.21
CA LEU A 66 -11.49 -20.04 2.64
C LEU A 66 -10.16 -20.58 3.16
N ARG A 67 -9.43 -21.28 2.28
CA ARG A 67 -8.16 -21.84 2.74
C ARG A 67 -7.03 -20.81 2.70
N ALA A 68 -7.33 -19.64 2.10
CA ALA A 68 -6.35 -18.57 2.06
C ALA A 68 -6.61 -17.49 3.11
N ILE A 69 -7.30 -17.88 4.20
CA ILE A 69 -7.67 -16.89 5.21
C ILE A 69 -6.49 -16.51 6.10
N TYR A 70 -5.80 -17.46 6.71
CA TYR A 70 -4.66 -17.12 7.56
C TYR A 70 -3.52 -16.48 6.78
N PRO A 71 -3.27 -16.93 5.54
CA PRO A 71 -2.19 -16.33 4.77
C PRO A 71 -2.53 -14.89 4.41
N ALA A 72 -3.84 -14.61 4.27
CA ALA A 72 -4.30 -13.27 3.95
C ALA A 72 -4.15 -12.44 5.22
N VAL A 73 -4.42 -13.08 6.36
CA VAL A 73 -4.29 -12.40 7.64
C VAL A 73 -2.83 -12.00 7.86
N ALA A 74 -1.92 -12.90 7.49
CA ALA A 74 -0.49 -12.67 7.63
C ALA A 74 -0.12 -11.37 6.93
N ILE A 75 -0.57 -11.25 5.70
CA ILE A 75 -0.30 -10.07 4.91
C ILE A 75 -0.88 -8.79 5.53
N GLU A 76 -2.07 -8.86 6.12
CA GLU A 76 -2.65 -7.66 6.73
C GLU A 76 -1.89 -7.30 7.99
N LEU A 77 -1.37 -8.32 8.68
CA LEU A 77 -0.60 -8.09 9.89
C LEU A 77 0.73 -7.43 9.51
N ILE A 78 1.31 -7.89 8.41
CA ILE A 78 2.57 -7.34 7.95
C ILE A 78 2.36 -5.89 7.55
N HIS A 79 1.28 -5.62 6.82
CA HIS A 79 0.97 -4.26 6.41
C HIS A 79 0.83 -3.35 7.63
N ASN A 80 0.15 -3.85 8.66
CA ASN A 80 -0.06 -3.05 9.87
C ASN A 80 1.23 -2.78 10.63
N TYR A 81 2.09 -3.78 10.73
CA TYR A 81 3.36 -3.55 11.43
C TYR A 81 4.20 -2.49 10.68
N SER A 82 4.09 -2.47 9.36
CA SER A 82 4.88 -1.49 8.61
C SER A 82 4.36 -0.06 8.86
N LEU A 83 3.06 0.03 9.13
CA LEU A 83 2.47 1.34 9.40
C LEU A 83 2.95 1.90 10.75
N VAL A 84 3.00 1.00 11.74
CA VAL A 84 3.43 1.42 13.08
C VAL A 84 4.87 1.94 13.05
N HIS A 85 5.76 1.13 12.45
CA HIS A 85 7.17 1.51 12.42
C HIS A 85 7.42 2.73 11.52
N ASP A 86 6.72 2.74 10.37
CA ASP A 86 6.89 3.84 9.43
C ASP A 86 6.40 5.17 10.02
N ASP A 87 5.35 5.07 10.85
CA ASP A 87 4.82 6.28 11.48
C ASP A 87 5.83 6.89 12.46
N ILE A 88 6.63 6.01 13.05
CA ILE A 88 7.65 6.43 14.00
C ILE A 88 8.71 7.21 13.25
N MET A 89 9.08 6.66 12.09
CA MET A 89 10.10 7.26 11.25
C MET A 89 9.66 8.56 10.57
N ASP A 90 8.48 8.53 9.97
CA ASP A 90 7.92 9.68 9.26
C ASP A 90 7.47 10.78 10.23
N MET A 91 7.47 10.48 11.53
CA MET A 91 7.02 11.44 12.51
C MET A 91 5.54 11.78 12.27
N ASP A 92 4.78 10.77 11.84
CA ASP A 92 3.36 10.94 11.55
C ASP A 92 2.58 11.20 12.84
N GLU A 93 1.87 12.33 12.85
CA GLU A 93 1.11 12.68 14.05
C GLU A 93 -0.10 11.75 14.24
N THR A 94 -0.98 11.71 13.24
CA THR A 94 -2.22 10.96 13.41
C THR A 94 -2.66 10.19 12.16
N ARG A 95 -2.69 8.86 12.30
CA ARG A 95 -3.32 8.02 11.29
C ARG A 95 -4.82 8.09 11.45
N ARG A 96 -5.52 8.02 10.31
CA ARG A 96 -6.97 8.16 10.39
C ARG A 96 -7.33 9.44 11.15
N GLY A 97 -8.37 9.33 11.99
CA GLY A 97 -8.75 10.47 12.82
C GLY A 97 -8.25 10.29 14.25
N LYS A 98 -7.21 9.48 14.43
CA LYS A 98 -6.69 9.28 15.78
C LYS A 98 -5.16 9.39 15.81
N PRO A 99 -4.64 9.57 17.03
CA PRO A 99 -3.20 9.63 17.25
C PRO A 99 -2.50 8.32 16.82
N THR A 100 -1.22 8.44 16.41
CA THR A 100 -0.47 7.26 16.02
C THR A 100 -0.03 6.43 17.25
N VAL A 101 0.35 5.17 16.98
CA VAL A 101 0.73 4.29 18.07
C VAL A 101 1.86 4.88 18.91
N HIS A 102 2.92 5.39 18.28
CA HIS A 102 4.05 5.91 19.05
C HIS A 102 3.72 7.12 19.92
N ARG A 103 2.79 7.96 19.47
CA ARG A 103 2.42 9.12 20.26
C ARG A 103 1.61 8.74 21.49
N ILE A 104 0.78 7.71 21.38
CA ILE A 104 -0.03 7.26 22.50
C ILE A 104 0.73 6.42 23.52
N TRP A 105 1.50 5.45 23.05
CA TRP A 105 2.25 4.56 23.92
C TRP A 105 3.76 4.82 23.96
N GLY A 106 4.22 5.75 23.14
CA GLY A 106 5.65 6.05 23.14
C GLY A 106 6.33 5.28 22.03
N VAL A 107 7.53 5.70 21.67
CA VAL A 107 8.30 5.09 20.61
C VAL A 107 8.73 3.64 20.90
N ASN A 108 9.19 3.38 22.12
CA ASN A 108 9.63 2.04 22.50
C ASN A 108 8.51 1.01 22.42
N MET A 109 7.36 1.31 23.01
CA MET A 109 6.25 0.38 22.96
C MET A 109 5.71 0.25 21.53
N ALA A 110 5.83 1.30 20.74
CA ALA A 110 5.39 1.27 19.34
C ALA A 110 6.30 0.33 18.55
N ILE A 111 7.60 0.38 18.82
CA ILE A 111 8.52 -0.49 18.13
C ILE A 111 8.10 -1.93 18.45
N LEU A 112 7.94 -2.22 19.75
CA LEU A 112 7.54 -3.55 20.17
C LEU A 112 6.19 -4.00 19.58
N ALA A 113 5.23 -3.08 19.45
CA ALA A 113 3.94 -3.42 18.89
C ALA A 113 4.13 -3.84 17.43
N GLY A 114 4.94 -3.08 16.69
CA GLY A 114 5.24 -3.42 15.32
C GLY A 114 5.88 -4.79 15.28
N ASP A 115 6.80 -5.07 16.21
CA ASP A 115 7.47 -6.37 16.25
C ASP A 115 6.49 -7.51 16.51
N LEU A 116 5.56 -7.28 17.42
CA LEU A 116 4.57 -8.30 17.75
C LEU A 116 3.70 -8.56 16.53
N LEU A 117 3.27 -7.50 15.88
CA LEU A 117 2.46 -7.63 14.68
C LEU A 117 3.19 -8.43 13.60
N PHE A 118 4.48 -8.19 13.43
CA PHE A 118 5.28 -8.92 12.42
C PHE A 118 5.38 -10.40 12.78
N SER A 119 5.68 -10.67 14.05
CA SER A 119 5.77 -12.02 14.56
C SER A 119 4.42 -12.74 14.36
N LYS A 120 3.32 -12.04 14.60
CA LYS A 120 2.08 -12.79 14.47
C LYS A 120 1.68 -13.02 13.00
N ALA A 121 2.21 -12.25 12.05
CA ALA A 121 1.99 -12.53 10.65
C ALA A 121 2.50 -13.95 10.34
N PHE A 122 3.65 -14.30 10.89
CA PHE A 122 4.20 -15.63 10.64
C PHE A 122 3.50 -16.67 11.51
N GLU A 123 2.90 -16.28 12.63
CA GLU A 123 2.17 -17.28 13.34
C GLU A 123 0.90 -17.57 12.58
N ALA A 124 0.41 -16.58 11.85
CA ALA A 124 -0.74 -16.75 10.97
C ALA A 124 -0.36 -17.65 9.80
N VAL A 125 0.84 -17.46 9.26
CA VAL A 125 1.31 -18.27 8.15
C VAL A 125 1.39 -19.74 8.56
N ALA A 126 1.86 -19.98 9.79
CA ALA A 126 1.99 -21.34 10.29
C ALA A 126 0.62 -22.03 10.44
N ARG A 127 -0.37 -21.31 10.98
CA ARG A 127 -1.72 -21.86 11.16
C ARG A 127 -2.44 -22.20 9.85
N ALA A 128 -1.89 -21.81 8.71
CA ALA A 128 -2.53 -22.09 7.44
C ALA A 128 -2.76 -23.60 7.24
N GLU A 129 -3.83 -23.93 6.53
CA GLU A 129 -4.19 -25.32 6.25
C GLU A 129 -3.95 -25.61 4.77
N ILE A 130 -2.70 -25.86 4.40
CA ILE A 130 -2.39 -26.13 3.00
C ILE A 130 -1.27 -27.16 2.86
N PRO A 131 -1.15 -27.77 1.66
CA PRO A 131 -0.11 -28.77 1.40
C PRO A 131 1.27 -28.21 1.74
N PRO A 132 2.15 -29.04 2.29
CA PRO A 132 3.51 -28.63 2.66
C PRO A 132 4.21 -27.83 1.56
N GLU A 133 4.08 -28.29 0.33
CA GLU A 133 4.72 -27.61 -0.79
C GLU A 133 4.14 -26.20 -0.98
N LYS A 134 2.80 -26.11 -0.90
CA LYS A 134 2.18 -24.80 -1.00
C LYS A 134 2.64 -23.88 0.12
N LYS A 135 2.45 -24.38 1.37
CA LYS A 135 2.88 -23.64 2.55
C LYS A 135 4.30 -23.09 2.40
N ALA A 136 5.22 -24.00 2.05
CA ALA A 136 6.62 -23.59 1.93
C ALA A 136 6.79 -22.49 0.88
N ARG A 137 5.98 -22.56 -0.19
CA ARG A 137 6.08 -21.57 -1.26
C ARG A 137 5.38 -20.25 -0.89
N VAL A 138 4.46 -20.31 0.06
CA VAL A 138 3.75 -19.11 0.51
C VAL A 138 4.65 -18.36 1.50
N LEU A 139 5.27 -19.10 2.42
CA LEU A 139 6.16 -18.52 3.41
C LEU A 139 7.28 -17.78 2.70
N GLU A 140 7.79 -18.36 1.61
CA GLU A 140 8.88 -17.76 0.86
C GLU A 140 8.51 -16.53 0.04
N VAL A 141 7.24 -16.41 -0.33
CA VAL A 141 6.79 -15.25 -1.08
C VAL A 141 6.64 -14.09 -0.10
N ILE A 142 6.11 -14.41 1.08
CA ILE A 142 5.89 -13.42 2.11
C ILE A 142 7.22 -12.91 2.66
N VAL A 143 8.18 -13.80 2.78
CA VAL A 143 9.48 -13.42 3.28
C VAL A 143 10.20 -12.49 2.30
N LYS A 144 10.19 -12.83 1.01
CA LYS A 144 10.86 -11.96 0.05
C LYS A 144 10.19 -10.60 -0.06
N ALA A 145 8.86 -10.54 0.11
CA ALA A 145 8.18 -9.26 0.02
C ALA A 145 8.52 -8.47 1.28
N SER A 146 8.65 -9.18 2.39
CA SER A 146 9.02 -8.56 3.65
C SER A 146 10.37 -7.86 3.48
N ASN A 147 11.36 -8.58 2.96
CA ASN A 147 12.68 -8.01 2.74
C ASN A 147 12.62 -6.79 1.81
N GLU A 148 11.88 -6.88 0.71
CA GLU A 148 11.75 -5.77 -0.22
C GLU A 148 11.16 -4.53 0.45
N LEU A 149 10.18 -4.79 1.32
CA LEU A 149 9.50 -3.75 2.06
C LEU A 149 10.51 -2.96 2.92
N CYS A 150 11.38 -3.67 3.65
CA CYS A 150 12.40 -3.01 4.48
C CYS A 150 13.38 -2.26 3.56
N GLU A 151 13.72 -2.86 2.43
CA GLU A 151 14.65 -2.26 1.49
C GLU A 151 14.06 -1.00 0.86
N GLY A 152 12.78 -1.05 0.53
CA GLY A 152 12.14 0.11 -0.06
C GLY A 152 12.02 1.24 0.95
N GLN A 153 11.75 0.91 2.20
CA GLN A 153 11.65 1.93 3.22
C GLN A 153 13.05 2.50 3.51
N ALA A 154 14.07 1.67 3.45
CA ALA A 154 15.44 2.13 3.69
C ALA A 154 15.83 3.16 2.63
N ARG A 155 15.59 2.85 1.37
CA ARG A 155 15.90 3.78 0.30
C ARG A 155 15.11 5.06 0.49
N ASP A 156 13.90 4.93 1.04
CA ASP A 156 13.07 6.10 1.26
C ASP A 156 13.70 6.97 2.34
N LEU A 157 14.35 6.36 3.32
CA LEU A 157 15.00 7.13 4.38
C LEU A 157 16.22 7.87 3.81
N GLU A 158 17.00 7.19 2.97
CA GLU A 158 18.18 7.82 2.38
C GLU A 158 17.82 9.09 1.61
N PHE A 159 16.66 9.12 0.98
CA PHE A 159 16.21 10.29 0.22
C PHE A 159 16.31 11.57 1.06
N GLU A 160 16.04 11.42 2.37
CA GLU A 160 16.07 12.59 3.24
C GLU A 160 17.44 13.27 3.26
N LYS A 161 18.47 12.46 2.95
CA LYS A 161 19.86 12.91 2.95
C LYS A 161 20.16 13.84 1.77
N LYS A 162 19.10 14.17 1.01
CA LYS A 162 19.35 14.85 -0.26
C LYS A 162 18.10 15.58 -0.77
N SER A 163 18.28 16.64 -1.55
CA SER A 163 17.15 17.42 -2.03
C SER A 163 16.40 16.87 -3.25
N THR A 164 17.12 16.34 -4.23
CA THR A 164 16.47 15.81 -5.44
C THR A 164 16.61 14.30 -5.62
N VAL A 165 15.72 13.72 -6.41
CA VAL A 165 15.73 12.28 -6.69
C VAL A 165 15.37 12.12 -8.16
N THR A 166 15.66 10.95 -8.72
CA THR A 166 15.35 10.68 -10.12
C THR A 166 14.11 9.81 -10.21
N ILE A 167 13.48 9.78 -11.38
CA ILE A 167 12.31 8.98 -11.58
C ILE A 167 12.67 7.54 -11.28
N GLU A 168 13.87 7.15 -11.69
CA GLU A 168 14.35 5.79 -11.48
C GLU A 168 14.54 5.46 -10.00
N GLU A 169 15.05 6.41 -9.24
CA GLU A 169 15.25 6.21 -7.81
C GLU A 169 13.89 6.04 -7.15
N TYR A 170 12.98 6.96 -7.43
CA TYR A 170 11.69 6.85 -6.75
C TYR A 170 10.97 5.56 -7.14
N MET A 171 10.92 5.16 -8.40
CA MET A 171 10.26 3.91 -8.78
C MET A 171 10.89 2.66 -8.16
N GLU A 172 12.20 2.67 -7.92
CA GLU A 172 12.83 1.50 -7.35
C GLU A 172 12.42 1.40 -5.87
N MET A 173 12.20 2.55 -5.26
CA MET A 173 11.82 2.65 -3.86
C MET A 173 10.36 2.26 -3.66
N ILE A 174 9.47 2.90 -4.42
CA ILE A 174 8.05 2.60 -4.23
C ILE A 174 7.73 1.14 -4.58
N SER A 175 8.49 0.61 -5.55
CA SER A 175 8.25 -0.78 -5.96
C SER A 175 8.33 -1.74 -4.78
N GLY A 176 9.25 -1.44 -3.85
CA GLY A 176 9.43 -2.36 -2.74
C GLY A 176 8.58 -1.93 -1.53
N LYS A 177 8.43 -0.60 -1.37
CA LYS A 177 7.63 -0.13 -0.25
C LYS A 177 6.21 -0.69 -0.30
N THR A 178 5.50 -0.37 -1.40
CA THR A 178 4.09 -0.75 -1.49
C THR A 178 3.84 -1.87 -2.50
N GLY A 179 4.56 -1.80 -3.64
CA GLY A 179 4.33 -2.75 -4.72
C GLY A 179 4.52 -4.21 -4.27
N ALA A 180 5.63 -4.45 -3.55
CA ALA A 180 5.99 -5.82 -3.20
C ALA A 180 4.86 -6.55 -2.47
N LEU A 181 4.34 -5.90 -1.40
CA LEU A 181 3.31 -6.55 -0.59
C LEU A 181 2.02 -6.76 -1.37
N PHE A 182 1.76 -5.84 -2.29
CA PHE A 182 0.53 -5.96 -3.07
C PHE A 182 0.70 -7.15 -4.01
N GLU A 183 1.86 -7.23 -4.65
CA GLU A 183 2.13 -8.34 -5.56
C GLU A 183 2.01 -9.66 -4.80
N ALA A 184 2.59 -9.70 -3.60
CA ALA A 184 2.55 -10.89 -2.76
C ALA A 184 1.12 -11.30 -2.44
N SER A 185 0.24 -10.32 -2.26
CA SER A 185 -1.15 -10.58 -1.94
C SER A 185 -1.79 -11.40 -3.07
N ALA A 186 -1.66 -10.91 -4.30
CA ALA A 186 -2.22 -11.62 -5.45
C ALA A 186 -1.50 -12.96 -5.69
N LYS A 187 -0.15 -12.88 -5.68
CA LYS A 187 0.63 -14.08 -5.97
C LYS A 187 0.34 -15.21 -4.99
N VAL A 188 0.14 -14.83 -3.71
CA VAL A 188 -0.16 -15.85 -2.70
C VAL A 188 -1.58 -16.38 -2.84
N GLY A 189 -2.45 -15.55 -3.38
CA GLY A 189 -3.82 -15.97 -3.58
C GLY A 189 -3.80 -17.08 -4.60
N GLY A 190 -3.19 -16.81 -5.75
CA GLY A 190 -3.11 -17.82 -6.80
C GLY A 190 -2.56 -19.14 -6.28
N ILE A 191 -1.31 -19.11 -5.83
CA ILE A 191 -0.60 -20.30 -5.34
C ILE A 191 -1.51 -21.21 -4.50
N ILE A 192 -2.37 -20.57 -3.67
CA ILE A 192 -3.20 -21.36 -2.77
C ILE A 192 -4.30 -22.12 -3.52
N GLY A 193 -4.58 -21.68 -4.76
CA GLY A 193 -5.69 -22.31 -5.44
C GLY A 193 -5.36 -22.80 -6.86
N THR A 194 -4.08 -22.64 -7.27
CA THR A 194 -3.77 -23.01 -8.66
C THR A 194 -2.29 -23.36 -8.83
N ASP A 195 -2.05 -24.35 -9.71
CA ASP A 195 -0.67 -24.71 -10.05
C ASP A 195 -0.31 -24.26 -11.47
N ASN A 196 -1.06 -23.23 -11.93
CA ASN A 196 -0.80 -22.70 -13.27
C ASN A 196 0.13 -21.49 -13.22
N GLU A 197 1.42 -21.76 -13.52
CA GLU A 197 2.43 -20.71 -13.39
C GLU A 197 2.13 -19.49 -14.26
N GLU A 198 1.20 -19.67 -15.21
CA GLU A 198 0.86 -18.54 -16.08
C GLU A 198 -0.11 -17.60 -15.39
N TYR A 199 -1.06 -18.20 -14.65
CA TYR A 199 -1.95 -17.40 -13.82
C TYR A 199 -1.15 -16.59 -12.80
N ILE A 200 -0.35 -17.33 -12.01
CA ILE A 200 0.41 -16.69 -10.95
C ILE A 200 1.25 -15.51 -11.46
N LYS A 201 1.88 -15.71 -12.63
CA LYS A 201 2.68 -14.64 -13.20
C LYS A 201 1.82 -13.45 -13.61
N ALA A 202 0.55 -13.77 -13.93
CA ALA A 202 -0.39 -12.73 -14.31
C ALA A 202 -0.96 -12.01 -13.08
N LEU A 203 -1.23 -12.77 -12.04
CA LEU A 203 -1.75 -12.22 -10.79
C LEU A 203 -0.69 -11.34 -10.14
N SER A 204 0.54 -11.85 -10.11
CA SER A 204 1.68 -11.14 -9.53
C SER A 204 1.90 -9.80 -10.22
N SER A 205 1.86 -9.80 -11.55
CA SER A 205 2.06 -8.60 -12.35
C SER A 205 0.98 -7.55 -12.10
N TRP A 206 -0.23 -8.05 -11.84
CA TRP A 206 -1.36 -7.19 -11.52
C TRP A 206 -1.22 -6.55 -10.14
N GLY A 207 -0.75 -7.37 -9.17
CA GLY A 207 -0.56 -6.85 -7.82
C GLY A 207 0.54 -5.80 -7.76
N ARG A 208 1.67 -6.14 -8.44
CA ARG A 208 2.79 -5.21 -8.49
C ARG A 208 2.36 -3.85 -9.03
N ASN A 209 1.69 -3.90 -10.21
CA ASN A 209 1.28 -2.67 -10.88
C ASN A 209 0.24 -1.89 -10.08
N VAL A 210 -0.74 -2.59 -9.50
CA VAL A 210 -1.79 -1.92 -8.76
C VAL A 210 -1.19 -1.29 -7.50
N GLY A 211 -0.36 -2.05 -6.79
CA GLY A 211 0.27 -1.54 -5.59
C GLY A 211 1.00 -0.24 -5.84
N ILE A 212 1.75 -0.17 -6.95
CA ILE A 212 2.49 1.04 -7.27
C ILE A 212 1.59 2.19 -7.71
N ALA A 213 0.66 1.92 -8.62
CA ALA A 213 -0.24 2.95 -9.12
C ALA A 213 -1.12 3.58 -8.02
N PHE A 214 -1.52 2.78 -7.05
CA PHE A 214 -2.22 3.19 -5.84
C PHE A 214 -1.60 4.45 -5.25
N GLN A 215 -0.36 4.23 -4.84
CA GLN A 215 0.41 5.25 -4.17
C GLN A 215 0.61 6.48 -5.07
N ILE A 216 0.96 6.24 -6.34
CA ILE A 216 1.16 7.35 -7.27
C ILE A 216 -0.11 8.20 -7.40
N TRP A 217 -1.26 7.54 -7.45
CA TRP A 217 -2.53 8.26 -7.57
C TRP A 217 -2.83 9.04 -6.29
N ASP A 218 -2.42 8.51 -5.14
CA ASP A 218 -2.64 9.21 -3.87
C ASP A 218 -1.83 10.48 -3.87
N ASP A 219 -0.58 10.39 -4.32
CA ASP A 219 0.27 11.57 -4.37
C ASP A 219 -0.31 12.61 -5.31
N VAL A 220 -0.93 12.15 -6.40
CA VAL A 220 -1.55 13.04 -7.38
C VAL A 220 -2.74 13.77 -6.76
N LEU A 221 -3.59 13.01 -6.09
CA LEU A 221 -4.78 13.54 -5.41
C LEU A 221 -4.40 14.57 -4.34
N ASP A 222 -3.27 14.28 -3.66
CA ASP A 222 -2.85 15.16 -2.58
C ASP A 222 -2.59 16.58 -3.06
N LEU A 223 -2.34 16.72 -4.37
CA LEU A 223 -2.03 18.04 -4.91
C LEU A 223 -3.24 18.68 -5.59
N ILE A 224 -3.98 17.86 -6.35
CA ILE A 224 -4.98 18.50 -7.21
C ILE A 224 -6.41 18.12 -6.82
N ALA A 225 -6.51 17.33 -5.73
CA ALA A 225 -7.83 17.05 -5.21
C ALA A 225 -8.38 18.24 -4.45
N ASP A 226 -9.68 18.52 -4.67
CA ASP A 226 -10.30 19.64 -3.98
C ASP A 226 -10.19 19.47 -2.47
N GLU A 227 -9.92 20.60 -1.79
CA GLU A 227 -9.72 20.56 -0.34
C GLU A 227 -10.97 20.06 0.39
N LYS A 228 -12.05 20.83 0.29
CA LYS A 228 -13.30 20.42 0.93
C LYS A 228 -13.47 18.90 0.93
N LYS A 229 -13.39 18.31 -0.28
CA LYS A 229 -13.59 16.87 -0.40
C LYS A 229 -12.44 16.05 0.20
N LEU A 230 -11.20 16.50 -0.06
CA LEU A 230 -10.05 15.80 0.50
C LEU A 230 -10.00 15.94 2.02
N GLY A 231 -10.91 16.77 2.54
CA GLY A 231 -10.94 16.98 3.99
C GLY A 231 -9.84 17.93 4.45
N LYS A 232 -8.96 18.29 3.50
CA LYS A 232 -7.86 19.19 3.83
C LYS A 232 -7.23 19.81 2.58
N PRO A 233 -6.51 20.92 2.80
CA PRO A 233 -5.89 21.67 1.71
C PRO A 233 -4.89 20.83 0.92
N VAL A 234 -4.70 21.22 -0.35
CA VAL A 234 -3.80 20.49 -1.21
C VAL A 234 -2.33 20.84 -0.91
N GLY A 235 -1.44 19.92 -1.31
CA GLY A 235 0.00 20.21 -1.25
C GLY A 235 0.59 19.90 0.14
N SER A 236 0.03 19.04 0.98
CA SER A 236 0.70 18.75 2.24
C SER A 236 1.97 17.94 1.96
N ASP A 237 2.01 17.27 0.82
CA ASP A 237 3.20 16.50 0.45
C ASP A 237 4.31 17.49 0.05
N ILE A 238 3.93 18.69 -0.38
CA ILE A 238 4.92 19.69 -0.76
C ILE A 238 5.53 20.27 0.50
N ARG A 239 4.67 20.55 1.47
CA ARG A 239 5.11 21.06 2.76
C ARG A 239 5.95 20.01 3.47
N LYS A 240 5.63 18.74 3.17
CA LYS A 240 6.35 17.64 3.78
C LYS A 240 7.70 17.41 3.11
N GLY A 241 7.83 17.94 1.88
CA GLY A 241 8.99 17.59 1.08
C GLY A 241 9.01 16.09 0.81
N LYS A 242 7.87 15.50 0.46
CA LYS A 242 7.81 14.07 0.19
C LYS A 242 8.27 13.76 -1.23
N LYS A 243 9.09 12.72 -1.39
CA LYS A 243 9.57 12.31 -2.70
C LYS A 243 8.54 11.44 -3.41
N THR A 244 7.85 12.03 -4.37
CA THR A 244 6.84 11.32 -5.14
C THR A 244 7.31 11.25 -6.60
N LEU A 245 6.55 10.57 -7.45
CA LEU A 245 6.91 10.47 -8.86
C LEU A 245 6.76 11.83 -9.53
N ILE A 246 5.84 12.64 -9.01
CA ILE A 246 5.58 13.98 -9.53
C ILE A 246 6.80 14.87 -9.32
N VAL A 247 7.35 14.83 -8.12
CA VAL A 247 8.52 15.63 -7.78
C VAL A 247 9.75 15.13 -8.54
N ALA A 248 9.85 13.81 -8.75
CA ALA A 248 10.98 13.26 -9.48
C ALA A 248 10.93 13.73 -10.93
N HIS A 249 9.75 13.71 -11.53
CA HIS A 249 9.61 14.16 -12.91
C HIS A 249 9.97 15.63 -13.01
N PHE A 250 9.55 16.42 -12.04
CA PHE A 250 9.84 17.85 -12.08
C PHE A 250 11.35 18.14 -12.01
N PHE A 251 12.02 17.48 -11.04
CA PHE A 251 13.46 17.67 -10.91
C PHE A 251 14.22 17.21 -12.18
N GLU A 252 13.65 16.20 -12.85
CA GLU A 252 14.30 15.72 -14.07
C GLU A 252 14.13 16.69 -15.24
N ASN A 253 13.04 17.47 -15.22
CA ASN A 253 12.72 18.24 -16.41
C ASN A 253 12.87 19.76 -16.25
N ALA A 254 12.90 20.24 -14.99
CA ALA A 254 12.85 21.68 -14.79
C ALA A 254 14.19 22.39 -14.98
N ASP A 255 14.16 23.67 -15.36
CA ASP A 255 15.40 24.42 -15.57
C ASP A 255 15.93 24.81 -14.19
N GLU A 256 17.18 25.23 -14.13
CA GLU A 256 17.80 25.60 -12.87
C GLU A 256 17.05 26.63 -12.04
N LYS A 257 16.57 27.68 -12.69
CA LYS A 257 15.87 28.73 -12.02
C LYS A 257 14.66 28.16 -11.25
N ASP A 258 13.88 27.35 -11.94
CA ASP A 258 12.69 26.77 -11.34
C ASP A 258 13.02 25.78 -10.23
N LYS A 259 13.99 24.89 -10.48
CA LYS A 259 14.51 23.92 -9.51
C LYS A 259 14.82 24.55 -8.16
N GLN A 260 15.59 25.64 -8.26
CA GLN A 260 16.08 26.34 -7.08
C GLN A 260 14.97 27.06 -6.32
N ARG A 261 14.02 27.62 -7.05
CA ARG A 261 12.91 28.27 -6.35
C ARG A 261 12.01 27.23 -5.69
N PHE A 262 11.75 26.15 -6.44
CA PHE A 262 10.94 25.06 -5.91
C PHE A 262 11.55 24.51 -4.62
N LEU A 263 12.89 24.45 -4.60
CA LEU A 263 13.57 23.88 -3.44
C LEU A 263 13.47 24.77 -2.20
N LYS A 264 13.43 26.10 -2.44
CA LYS A 264 13.23 26.99 -1.32
C LYS A 264 11.90 26.70 -0.62
N ILE A 265 10.84 26.57 -1.44
CA ILE A 265 9.50 26.39 -0.88
C ILE A 265 9.06 24.93 -0.84
N PHE A 266 10.05 24.01 -0.77
CA PHE A 266 9.78 22.59 -0.73
C PHE A 266 10.22 21.97 0.60
N GLY A 267 9.28 21.32 1.32
CA GLY A 267 9.65 20.67 2.57
C GLY A 267 10.12 21.68 3.62
N LYS A 268 9.59 22.90 3.55
CA LYS A 268 9.95 23.95 4.50
C LYS A 268 8.93 24.03 5.64
N ASP A 282 1.20 34.01 3.08
CA ASP A 282 1.97 33.04 3.84
C ASP A 282 2.29 31.74 3.09
N ILE A 283 1.90 30.62 3.67
CA ILE A 283 2.17 29.31 3.09
C ILE A 283 1.26 28.96 1.91
N LYS A 284 0.05 29.53 1.90
CA LYS A 284 -0.90 29.27 0.82
C LYS A 284 -0.24 29.65 -0.51
N SER A 285 0.43 30.79 -0.51
CA SER A 285 1.10 31.28 -1.71
C SER A 285 2.28 30.42 -2.17
N ASP A 286 3.08 29.95 -1.21
CA ASP A 286 4.24 29.12 -1.55
C ASP A 286 3.81 27.75 -2.04
N VAL A 287 2.79 27.19 -1.40
CA VAL A 287 2.26 25.90 -1.79
C VAL A 287 1.77 25.97 -3.23
N MET A 288 0.99 27.00 -3.54
CA MET A 288 0.47 27.16 -4.89
C MET A 288 1.56 27.45 -5.90
N GLU A 289 2.54 28.27 -5.50
CA GLU A 289 3.65 28.58 -6.40
C GLU A 289 4.42 27.30 -6.74
N ALA A 290 4.43 26.36 -5.80
CA ALA A 290 5.13 25.08 -5.98
C ALA A 290 4.34 24.15 -6.90
N ILE A 291 3.03 24.13 -6.73
CA ILE A 291 2.21 23.29 -7.58
C ILE A 291 2.22 23.85 -9.00
N ASP A 292 2.31 25.17 -9.12
CA ASP A 292 2.36 25.80 -10.44
C ASP A 292 3.65 25.42 -11.16
N LEU A 293 4.74 25.34 -10.40
CA LEU A 293 6.02 24.97 -10.97
C LEU A 293 5.94 23.56 -11.53
N LEU A 294 5.22 22.69 -10.83
CA LEU A 294 5.05 21.30 -11.24
C LEU A 294 4.19 21.16 -12.50
N LYS A 295 3.15 21.98 -12.61
CA LYS A 295 2.25 21.93 -13.76
C LYS A 295 2.94 22.44 -15.03
N LYS A 296 3.80 23.46 -14.81
CA LYS A 296 4.56 24.02 -15.91
C LYS A 296 5.23 22.94 -16.75
N TYR A 297 5.69 21.87 -16.07
CA TYR A 297 6.42 20.82 -16.76
C TYR A 297 5.60 19.52 -16.93
N GLY A 298 4.28 19.62 -16.66
CA GLY A 298 3.42 18.46 -16.91
C GLY A 298 3.66 17.34 -15.88
N SER A 299 4.43 17.63 -14.85
CA SER A 299 4.76 16.63 -13.84
C SER A 299 3.55 15.93 -13.21
N ILE A 300 2.52 16.68 -12.82
CA ILE A 300 1.37 16.04 -12.22
C ILE A 300 0.70 15.11 -13.25
N ASP A 301 0.35 15.66 -14.40
CA ASP A 301 -0.27 14.90 -15.49
C ASP A 301 0.58 13.66 -15.81
N TYR A 302 1.89 13.85 -15.87
CA TYR A 302 2.81 12.75 -16.14
C TYR A 302 2.56 11.57 -15.21
N ALA A 303 2.60 11.82 -13.91
CA ALA A 303 2.38 10.78 -12.91
C ALA A 303 0.99 10.16 -13.02
N ALA A 304 0.00 10.99 -13.35
CA ALA A 304 -1.37 10.50 -13.50
C ALA A 304 -1.43 9.45 -14.60
N GLU A 305 -0.75 9.73 -15.71
CA GLU A 305 -0.73 8.83 -16.86
C GLU A 305 -0.01 7.53 -16.54
N ILE A 306 1.13 7.64 -15.85
CA ILE A 306 1.88 6.46 -15.47
C ILE A 306 0.98 5.54 -14.66
N ALA A 307 0.26 6.13 -13.71
CA ALA A 307 -0.64 5.35 -12.85
C ALA A 307 -1.72 4.65 -13.68
N LYS A 308 -2.34 5.40 -14.60
CA LYS A 308 -3.38 4.83 -15.44
C LYS A 308 -2.83 3.70 -16.33
N ASP A 309 -1.66 3.93 -16.90
CA ASP A 309 -1.06 2.90 -17.75
C ASP A 309 -0.84 1.61 -16.96
N MET A 310 -0.25 1.73 -15.77
CA MET A 310 0.00 0.55 -14.95
C MET A 310 -1.30 -0.18 -14.64
N ILE A 311 -2.37 0.59 -14.46
CA ILE A 311 -3.68 0.03 -14.18
C ILE A 311 -4.15 -0.74 -15.42
N LYS A 312 -3.98 -0.13 -16.58
CA LYS A 312 -4.39 -0.77 -17.83
C LYS A 312 -3.58 -2.05 -18.03
N LYS A 313 -2.27 -1.95 -17.83
CA LYS A 313 -1.41 -3.11 -17.99
C LYS A 313 -1.77 -4.22 -17.01
N ALA A 314 -2.11 -3.85 -15.78
CA ALA A 314 -2.46 -4.82 -14.76
C ALA A 314 -3.69 -5.65 -15.12
N ASN A 315 -4.77 -4.99 -15.48
CA ASN A 315 -6.00 -5.70 -15.85
C ASN A 315 -5.79 -6.44 -17.17
N GLU A 316 -5.10 -5.81 -18.11
CA GLU A 316 -4.82 -6.44 -19.40
C GLU A 316 -3.92 -7.66 -19.21
N ALA A 317 -3.57 -7.93 -17.96
CA ALA A 317 -2.73 -9.07 -17.65
C ALA A 317 -3.57 -10.16 -17.00
N LEU A 318 -4.76 -9.77 -16.57
CA LEU A 318 -5.71 -10.71 -15.95
C LEU A 318 -6.57 -11.38 -17.03
N ARG A 319 -6.45 -10.81 -18.25
CA ARG A 319 -7.13 -11.37 -19.41
C ARG A 319 -6.91 -12.89 -19.50
N ILE A 320 -5.71 -13.29 -19.05
CA ILE A 320 -5.30 -14.68 -19.19
C ILE A 320 -6.17 -15.64 -18.35
N LEU A 321 -6.71 -15.09 -17.24
CA LEU A 321 -7.57 -15.90 -16.38
C LEU A 321 -8.99 -16.00 -16.94
N PRO A 322 -9.74 -17.01 -16.49
CA PRO A 322 -11.10 -17.20 -16.96
C PRO A 322 -12.00 -16.07 -16.47
N LYS A 323 -13.17 -15.95 -17.14
CA LYS A 323 -14.15 -14.99 -16.66
C LYS A 323 -14.89 -15.50 -15.42
N SER A 324 -14.77 -14.71 -14.36
CA SER A 324 -15.52 -14.94 -13.14
C SER A 324 -15.80 -13.58 -12.49
N LYS A 325 -16.63 -13.58 -11.44
CA LYS A 325 -16.87 -12.30 -10.77
C LYS A 325 -15.67 -11.93 -9.89
N ALA A 326 -14.82 -12.95 -9.64
CA ALA A 326 -13.60 -12.69 -8.89
C ALA A 326 -12.62 -11.87 -9.71
N ARG A 327 -12.35 -12.34 -10.93
CA ARG A 327 -11.59 -11.53 -11.87
C ARG A 327 -12.26 -10.18 -12.05
N MET A 328 -13.58 -10.18 -11.99
CA MET A 328 -14.35 -8.95 -12.13
C MET A 328 -13.97 -7.95 -11.04
N ASP A 329 -14.04 -8.37 -9.79
CA ASP A 329 -13.69 -7.50 -8.68
C ASP A 329 -12.26 -6.99 -8.78
N LEU A 330 -11.34 -7.86 -9.18
CA LEU A 330 -9.94 -7.48 -9.31
C LEU A 330 -9.77 -6.43 -10.39
N GLU A 331 -10.65 -6.45 -11.38
CA GLU A 331 -10.58 -5.47 -12.45
C GLU A 331 -11.23 -4.17 -11.99
N LEU A 332 -12.33 -4.30 -11.27
CA LEU A 332 -13.02 -3.13 -10.77
C LEU A 332 -12.15 -2.39 -9.75
N LEU A 333 -11.57 -3.13 -8.81
CA LEU A 333 -10.72 -2.54 -7.78
C LEU A 333 -9.60 -1.75 -8.43
N ALA A 334 -8.88 -2.38 -9.35
CA ALA A 334 -7.79 -1.71 -10.04
C ALA A 334 -8.27 -0.45 -10.71
N LYS A 335 -9.47 -0.52 -11.31
CA LYS A 335 -10.02 0.63 -12.00
C LYS A 335 -10.47 1.70 -11.01
N PHE A 336 -11.00 1.27 -9.87
CA PHE A 336 -11.42 2.23 -8.85
C PHE A 336 -10.21 2.97 -8.27
N ILE A 337 -9.18 2.18 -7.97
CA ILE A 337 -8.01 2.74 -7.34
C ILE A 337 -7.43 3.93 -8.12
N VAL A 338 -7.85 4.06 -9.40
CA VAL A 338 -7.29 5.14 -10.23
C VAL A 338 -8.34 6.17 -10.72
N GLU A 339 -9.62 5.95 -10.35
CA GLU A 339 -10.66 6.86 -10.82
C GLU A 339 -11.22 7.74 -9.68
N ARG A 340 -10.98 7.24 -8.46
CA ARG A 340 -11.48 7.91 -7.27
C ARG A 340 -10.84 9.29 -7.08
N GLU A 341 -11.44 10.06 -6.14
CA GLU A 341 -10.81 11.30 -5.70
C GLU A 341 -10.63 11.30 -4.19
#